data_5K3B
#
_entry.id   5K3B
#
_cell.length_a   41.837
_cell.length_b   78.956
_cell.length_c   84.986
_cell.angle_alpha   90.000
_cell.angle_beta   103.280
_cell.angle_gamma   90.000
#
_symmetry.space_group_name_H-M   'P 1 21 1'
#
loop_
_entity.id
_entity.type
_entity.pdbx_description
1 polymer 'Fluoroacetate dehalogenase'
2 non-polymer 'CHLORIDE ION'
3 non-polymer 'chloroacetic acid'
4 water water
#
_entity_poly.entity_id   1
_entity_poly.type   'polypeptide(L)'
_entity_poly.pdbx_seq_one_letter_code
;GHMPDLADLFPGFGSEWINTSSGRIFARVGGDGPPLLLLHGFPQTHVMWHRVAPKLAERFKVIVADLPGYGWSDMPESDE
QHTPYTKRAMAKQLIEAMEQLGHVHFALAGHNRGARVSYRLALDSPGRLSKLAVLDILPTYEYWQRMNRAYALKIYHWSF
LAQPAPLPENLLGGDPDFYVKAKLASWTRAGDLSAFDPRAVEHYRIAFADPMRRHVMCEDYRAGAYADFEHDKIDVEAGN
KIPVPMLALWGASGIAQSAATPLDVWRKWASDVQGAPIESGHFLPEEAPDQTAEALVRFFSAAPGS
;
_entity_poly.pdbx_strand_id   A,B
#
loop_
_chem_comp.id
_chem_comp.type
_chem_comp.name
_chem_comp.formula
CL non-polymer 'CHLORIDE ION' 'Cl -1'
R3W non-polymer 'chloroacetic acid' 'C2 H3 Cl O2'
#
# COMPACT_ATOMS: atom_id res chain seq x y z
N ASP A 5 9.38 22.70 24.52
CA ASP A 5 8.03 23.28 24.40
C ASP A 5 7.76 23.71 22.96
N LEU A 6 6.51 23.62 22.55
CA LEU A 6 6.09 23.95 21.18
C LEU A 6 5.74 25.43 20.99
N ALA A 7 6.05 25.98 19.83
CA ALA A 7 5.84 27.40 19.59
C ALA A 7 4.39 27.80 19.41
N ASP A 8 4.09 29.05 19.79
CA ASP A 8 2.83 29.69 19.48
C ASP A 8 2.95 30.35 18.13
N LEU A 9 2.31 29.77 17.12
CA LEU A 9 2.44 30.24 15.74
C LEU A 9 1.29 31.14 15.32
N PHE A 10 0.43 31.48 16.28
CA PHE A 10 -0.68 32.38 15.99
C PHE A 10 -0.68 33.51 17.01
N PRO A 11 0.32 34.39 16.96
CA PRO A 11 0.43 35.40 18.02
C PRO A 11 -0.85 36.21 18.09
N GLY A 12 -1.37 36.39 19.30
CA GLY A 12 -2.60 37.14 19.47
C GLY A 12 -3.91 36.35 19.44
N PHE A 13 -3.89 35.16 18.85
CA PHE A 13 -5.08 34.28 18.84
C PHE A 13 -5.34 33.69 20.20
N GLY A 14 -6.63 33.60 20.54
CA GLY A 14 -7.06 32.84 21.70
C GLY A 14 -6.92 31.35 21.46
N SER A 15 -7.16 30.59 22.53
CA SER A 15 -7.15 29.13 22.50
C SER A 15 -8.41 28.63 23.23
N GLU A 16 -9.19 27.78 22.57
CA GLU A 16 -10.39 27.18 23.14
C GLU A 16 -10.31 25.66 23.17
N TRP A 17 -10.85 25.02 24.21
N TRP A 17 -10.79 25.06 24.26
CA TRP A 17 -11.03 23.56 24.23
CA TRP A 17 -11.09 23.64 24.31
C TRP A 17 -12.52 23.24 24.31
C TRP A 17 -12.60 23.58 24.21
N ILE A 18 -13.11 22.92 23.17
CA ILE A 18 -14.56 22.95 22.98
C ILE A 18 -15.16 21.59 23.20
N ASN A 19 -16.10 21.47 24.13
CA ASN A 19 -16.71 20.16 24.38
C ASN A 19 -17.71 19.79 23.32
N THR A 20 -17.68 18.52 22.94
CA THR A 20 -18.71 17.93 22.11
C THR A 20 -19.08 16.58 22.67
N SER A 21 -20.19 16.03 22.20
CA SER A 21 -20.59 14.68 22.57
C SER A 21 -19.53 13.61 22.20
N SER A 22 -18.63 13.93 21.28
CA SER A 22 -17.59 12.99 20.88
C SER A 22 -16.20 13.30 21.42
N GLY A 23 -16.09 14.36 22.22
CA GLY A 23 -14.81 14.73 22.78
C GLY A 23 -14.42 16.15 22.43
N ARG A 24 -13.36 16.63 23.06
CA ARG A 24 -13.02 18.03 22.91
C ARG A 24 -12.33 18.31 21.59
N ILE A 25 -12.63 19.48 21.06
CA ILE A 25 -11.93 20.00 19.90
C ILE A 25 -11.07 21.15 20.34
N PHE A 26 -9.78 21.08 20.07
CA PHE A 26 -8.91 22.23 20.33
C PHE A 26 -8.95 23.17 19.13
N ALA A 27 -9.02 24.47 19.42
CA ALA A 27 -8.92 25.46 18.34
C ALA A 27 -8.17 26.70 18.77
N ARG A 28 -7.50 27.32 17.81
CA ARG A 28 -7.05 28.71 18.00
C ARG A 28 -8.09 29.61 17.37
N VAL A 29 -8.36 30.76 18.01
CA VAL A 29 -9.43 31.60 17.57
C VAL A 29 -8.92 33.03 17.50
N GLY A 30 -9.19 33.67 16.37
CA GLY A 30 -8.72 35.04 16.18
C GLY A 30 -9.61 35.87 15.26
N GLY A 31 -9.25 37.15 15.13
CA GLY A 31 -9.96 38.02 14.21
C GLY A 31 -11.35 38.44 14.68
N ASP A 32 -12.14 38.90 13.72
CA ASP A 32 -13.51 39.33 13.94
C ASP A 32 -14.19 39.43 12.60
N GLY A 33 -15.52 39.35 12.58
CA GLY A 33 -16.25 39.32 11.33
C GLY A 33 -16.98 38.01 11.16
N PRO A 34 -17.38 37.69 9.93
CA PRO A 34 -18.06 36.44 9.61
C PRO A 34 -17.21 35.24 10.05
N PRO A 35 -17.86 34.20 10.57
CA PRO A 35 -17.12 33.03 11.07
C PRO A 35 -16.54 32.14 9.97
N LEU A 36 -15.27 31.76 10.13
CA LEU A 36 -14.60 30.90 9.18
C LEU A 36 -13.81 29.81 9.88
N LEU A 37 -14.18 28.55 9.62
CA LEU A 37 -13.53 27.39 10.22
C LEU A 37 -12.50 26.87 9.25
N LEU A 38 -11.31 26.61 9.76
CA LEU A 38 -10.21 26.04 8.97
C LEU A 38 -9.83 24.67 9.49
N LEU A 39 -9.81 23.68 8.61
CA LEU A 39 -9.51 22.28 8.96
C LEU A 39 -8.32 21.71 8.20
N HIS A 40 -7.31 21.31 8.98
CA HIS A 40 -6.08 20.68 8.48
C HIS A 40 -6.34 19.22 8.12
N GLY A 41 -5.29 18.53 7.70
CA GLY A 41 -5.36 17.10 7.49
C GLY A 41 -4.07 16.40 7.91
N PHE A 42 -3.74 15.32 7.21
CA PHE A 42 -2.65 14.40 7.57
C PHE A 42 -1.37 14.71 6.81
N PRO A 43 -0.19 14.64 7.47
CA PRO A 43 0.08 14.33 8.87
C PRO A 43 0.36 15.63 9.65
N GLN A 44 -0.65 16.49 9.68
CA GLN A 44 -0.47 17.82 10.27
C GLN A 44 -1.47 18.05 11.39
N THR A 45 -1.46 19.28 11.88
CA THR A 45 -2.36 19.76 12.94
C THR A 45 -2.83 21.15 12.52
N HIS A 46 -3.64 21.79 13.36
CA HIS A 46 -4.15 23.13 13.06
C HIS A 46 -3.04 24.14 12.74
N VAL A 47 -1.82 23.87 13.19
CA VAL A 47 -0.78 24.90 12.98
C VAL A 47 -0.41 25.05 11.51
N MET A 48 -0.80 24.11 10.64
CA MET A 48 -0.50 24.26 9.22
C MET A 48 -1.07 25.56 8.60
N TRP A 49 -2.06 26.18 9.26
CA TRP A 49 -2.67 27.40 8.74
C TRP A 49 -1.95 28.65 9.21
N HIS A 50 -0.81 28.51 9.90
CA HIS A 50 -0.24 29.69 10.58
C HIS A 50 0.24 30.80 9.64
N ARG A 51 0.50 30.46 8.39
CA ARG A 51 0.94 31.49 7.45
C ARG A 51 -0.22 32.20 6.77
N VAL A 52 -1.42 31.62 6.79
CA VAL A 52 -2.53 32.32 6.18
C VAL A 52 -3.57 32.82 7.18
N ALA A 53 -3.62 32.22 8.36
CA ALA A 53 -4.66 32.61 9.34
C ALA A 53 -4.57 34.07 9.80
N PRO A 54 -3.37 34.60 10.07
CA PRO A 54 -3.30 36.03 10.41
C PRO A 54 -3.91 36.93 9.35
N LYS A 55 -3.67 36.65 8.07
CA LYS A 55 -4.27 37.47 7.03
C LYS A 55 -5.78 37.31 6.95
N LEU A 56 -6.26 36.07 7.08
CA LEU A 56 -7.71 35.82 7.10
C LEU A 56 -8.38 36.54 8.29
N ALA A 57 -7.64 36.65 9.39
CA ALA A 57 -8.20 37.23 10.62
C ALA A 57 -8.41 38.73 10.48
N GLU A 58 -7.85 39.33 9.43
CA GLU A 58 -8.11 40.73 9.13
C GLU A 58 -9.55 40.93 8.61
N ARG A 59 -10.19 39.84 8.18
CA ARG A 59 -11.50 39.96 7.54
C ARG A 59 -12.58 39.07 8.17
N PHE A 60 -12.16 38.04 8.91
CA PHE A 60 -13.07 37.01 9.42
C PHE A 60 -12.75 36.70 10.86
N LYS A 61 -13.75 36.12 11.54
CA LYS A 61 -13.53 35.44 12.82
C LYS A 61 -13.06 34.04 12.46
N VAL A 62 -11.80 33.73 12.76
CA VAL A 62 -11.13 32.54 12.25
C VAL A 62 -10.99 31.52 13.36
N ILE A 63 -11.53 30.33 13.12
CA ILE A 63 -11.45 29.23 14.06
C ILE A 63 -10.55 28.17 13.43
N VAL A 64 -9.39 27.94 14.03
CA VAL A 64 -8.42 27.00 13.47
C VAL A 64 -8.41 25.74 14.35
N ALA A 65 -9.10 24.70 13.89
CA ALA A 65 -9.36 23.56 14.78
C ALA A 65 -8.54 22.34 14.45
N ASP A 66 -8.14 21.60 15.50
CA ASP A 66 -7.59 20.25 15.32
C ASP A 66 -8.75 19.29 15.02
N LEU A 67 -8.59 18.45 14.00
CA LEU A 67 -9.60 17.46 13.68
C LEU A 67 -9.84 16.56 14.88
N PRO A 68 -11.05 15.97 14.98
CA PRO A 68 -11.25 14.90 15.97
C PRO A 68 -10.10 13.91 15.94
N GLY A 69 -9.46 13.67 17.08
CA GLY A 69 -8.38 12.69 17.18
C GLY A 69 -7.00 13.20 16.80
N TYR A 70 -6.90 14.43 16.30
CA TYR A 70 -5.62 15.01 15.88
C TYR A 70 -5.14 16.12 16.82
N GLY A 71 -3.83 16.36 16.84
CA GLY A 71 -3.28 17.49 17.59
C GLY A 71 -3.56 17.39 19.06
N TRP A 72 -4.35 18.33 19.58
CA TRP A 72 -4.71 18.34 20.99
C TRP A 72 -6.18 18.04 21.19
N SER A 73 -6.87 17.71 20.11
CA SER A 73 -8.25 17.28 20.26
C SER A 73 -8.31 15.92 20.93
N ASP A 74 -9.41 15.60 21.60
CA ASP A 74 -9.52 14.28 22.22
C ASP A 74 -9.53 13.18 21.17
N MET A 75 -9.16 11.97 21.57
CA MET A 75 -9.18 10.82 20.68
C MET A 75 -10.23 9.79 21.09
N PRO A 76 -11.43 9.88 20.52
CA PRO A 76 -12.46 8.87 20.83
C PRO A 76 -11.98 7.49 20.48
N GLU A 77 -12.40 6.51 21.26
CA GLU A 77 -12.14 5.13 20.93
C GLU A 77 -12.81 4.76 19.61
N SER A 78 -12.10 4.06 18.74
CA SER A 78 -12.70 3.72 17.46
C SER A 78 -13.50 2.42 17.58
N ASP A 79 -14.01 1.94 16.45
CA ASP A 79 -14.77 0.69 16.44
C ASP A 79 -14.52 -0.04 15.12
N GLU A 80 -15.28 -1.11 14.88
CA GLU A 80 -15.03 -1.98 13.75
C GLU A 80 -15.27 -1.29 12.42
N GLN A 81 -16.07 -0.23 12.43
CA GLN A 81 -16.34 0.52 11.21
C GLN A 81 -15.58 1.87 11.19
N HIS A 82 -14.72 2.07 12.17
CA HIS A 82 -13.84 3.24 12.25
C HIS A 82 -14.72 4.50 12.40
N THR A 83 -15.90 4.33 13.00
CA THR A 83 -16.92 5.37 12.95
C THR A 83 -16.50 6.79 13.37
N PRO A 84 -15.81 6.98 14.52
CA PRO A 84 -15.51 8.34 14.94
C PRO A 84 -14.58 9.05 13.96
N TYR A 85 -13.87 8.30 13.14
CA TYR A 85 -12.92 8.94 12.22
C TYR A 85 -13.39 8.95 10.76
N THR A 86 -14.63 8.51 10.52
CA THR A 86 -15.28 8.78 9.25
C THR A 86 -15.54 10.28 9.09
N LYS A 87 -15.55 10.75 7.86
CA LYS A 87 -15.74 12.17 7.67
C LYS A 87 -17.16 12.57 8.05
N ARG A 88 -18.10 11.63 7.93
CA ARG A 88 -19.46 11.93 8.38
C ARG A 88 -19.50 12.22 9.88
N ALA A 89 -18.85 11.37 10.68
CA ALA A 89 -18.82 11.62 12.12
C ALA A 89 -18.01 12.86 12.46
N MET A 90 -16.86 13.03 11.83
CA MET A 90 -16.03 14.21 12.10
C MET A 90 -16.82 15.48 11.80
N ALA A 91 -17.60 15.49 10.73
CA ALA A 91 -18.38 16.67 10.38
C ALA A 91 -19.47 16.94 11.43
N LYS A 92 -20.14 15.89 11.89
CA LYS A 92 -21.13 16.06 12.95
C LYS A 92 -20.49 16.65 14.20
N GLN A 93 -19.31 16.14 14.55
CA GLN A 93 -18.62 16.61 15.74
C GLN A 93 -18.22 18.07 15.62
N LEU A 94 -17.74 18.47 14.45
CA LEU A 94 -17.31 19.85 14.28
C LEU A 94 -18.53 20.77 14.20
N ILE A 95 -19.65 20.26 13.71
CA ILE A 95 -20.89 21.06 13.74
C ILE A 95 -21.26 21.34 15.20
N GLU A 96 -21.15 20.32 16.06
CA GLU A 96 -21.45 20.52 17.49
C GLU A 96 -20.50 21.56 18.08
N ALA A 97 -19.22 21.44 17.75
CA ALA A 97 -18.23 22.36 18.28
C ALA A 97 -18.58 23.79 17.87
N MET A 98 -18.90 24.00 16.59
CA MET A 98 -19.24 25.36 16.15
C MET A 98 -20.50 25.87 16.85
N GLU A 99 -21.46 24.98 17.12
CA GLU A 99 -22.65 25.42 17.88
C GLU A 99 -22.29 25.90 19.28
N GLN A 100 -21.28 25.30 19.88
CA GLN A 100 -20.85 25.71 21.22
C GLN A 100 -20.39 27.15 21.23
N LEU A 101 -19.88 27.63 20.08
CA LEU A 101 -19.41 29.01 19.91
C LEU A 101 -20.52 29.93 19.41
N GLY A 102 -21.72 29.38 19.20
CA GLY A 102 -22.81 30.12 18.61
C GLY A 102 -22.78 30.21 17.09
N HIS A 103 -22.05 29.31 16.43
CA HIS A 103 -22.01 29.36 14.95
C HIS A 103 -22.80 28.21 14.35
N VAL A 104 -23.91 28.55 13.70
CA VAL A 104 -24.79 27.55 13.07
C VAL A 104 -24.79 27.69 11.55
N HIS A 105 -24.10 28.71 11.04
CA HIS A 105 -23.99 28.94 9.60
C HIS A 105 -22.65 29.64 9.45
N PHE A 106 -21.71 28.99 8.76
CA PHE A 106 -20.35 29.50 8.73
C PHE A 106 -19.67 29.16 7.42
N ALA A 107 -18.56 29.84 7.17
CA ALA A 107 -17.71 29.52 6.04
C ALA A 107 -16.69 28.46 6.48
N LEU A 108 -16.25 27.66 5.50
CA LEU A 108 -15.40 26.52 5.82
C LEU A 108 -14.34 26.29 4.74
N ALA A 109 -13.08 26.15 5.18
CA ALA A 109 -12.02 25.75 4.26
C ALA A 109 -11.26 24.58 4.86
N GLY A 110 -10.99 23.57 4.05
CA GLY A 110 -10.29 22.41 4.54
C GLY A 110 -9.21 21.99 3.58
N HIS A 111 -8.25 21.26 4.11
CA HIS A 111 -7.14 20.74 3.33
C HIS A 111 -6.97 19.27 3.66
N ASN A 112 -6.72 18.42 2.64
CA ASN A 112 -6.37 17.00 2.90
C ASN A 112 -7.56 16.40 3.68
N ARG A 113 -7.36 15.67 4.79
CA ARG A 113 -8.50 15.04 5.48
C ARG A 113 -9.57 16.05 5.87
N GLY A 114 -9.13 17.25 6.24
CA GLY A 114 -10.07 18.27 6.66
C GLY A 114 -10.92 18.77 5.51
N ALA A 115 -10.40 18.72 4.29
CA ALA A 115 -11.22 19.04 3.12
C ALA A 115 -12.26 17.96 2.87
N ARG A 116 -11.92 16.72 3.24
CA ARG A 116 -12.88 15.62 3.09
C ARG A 116 -14.00 15.76 4.14
N VAL A 117 -13.62 16.13 5.36
CA VAL A 117 -14.63 16.46 6.38
C VAL A 117 -15.53 17.55 5.80
N SER A 118 -14.90 18.52 5.14
CA SER A 118 -15.66 19.70 4.68
C SER A 118 -16.67 19.37 3.57
N TYR A 119 -16.31 18.58 2.57
CA TYR A 119 -17.30 18.32 1.52
C TYR A 119 -18.34 17.31 2.00
N ARG A 120 -17.95 16.41 2.91
CA ARG A 120 -18.93 15.52 3.51
C ARG A 120 -19.94 16.33 4.36
N LEU A 121 -19.44 17.33 5.09
CA LEU A 121 -20.29 18.24 5.86
C LEU A 121 -21.28 18.90 4.90
N ALA A 122 -20.79 19.34 3.74
CA ALA A 122 -21.67 20.02 2.79
C ALA A 122 -22.71 19.07 2.18
N LEU A 123 -22.33 17.82 1.97
CA LEU A 123 -23.29 16.84 1.46
C LEU A 123 -24.35 16.44 2.50
N ASP A 124 -23.97 16.34 3.78
CA ASP A 124 -24.89 15.89 4.81
C ASP A 124 -25.72 17.02 5.41
N SER A 125 -25.11 18.20 5.52
N SER A 125 -25.09 18.18 5.57
CA SER A 125 -25.71 19.32 6.24
CA SER A 125 -25.76 19.31 6.20
C SER A 125 -25.45 20.67 5.55
C SER A 125 -25.38 20.61 5.52
N PRO A 126 -25.88 20.80 4.29
CA PRO A 126 -25.54 22.01 3.51
C PRO A 126 -26.01 23.30 4.18
N GLY A 127 -27.08 23.23 4.97
CA GLY A 127 -27.57 24.40 5.67
C GLY A 127 -26.59 25.04 6.61
N ARG A 128 -25.57 24.28 7.02
CA ARG A 128 -24.58 24.76 7.96
C ARG A 128 -23.57 25.70 7.30
N LEU A 129 -23.44 25.65 5.97
CA LEU A 129 -22.36 26.37 5.27
C LEU A 129 -22.81 27.49 4.37
N SER A 130 -22.20 28.65 4.54
CA SER A 130 -22.42 29.74 3.58
C SER A 130 -21.62 29.49 2.32
N LYS A 131 -20.35 29.10 2.49
CA LYS A 131 -19.45 28.81 1.38
C LYS A 131 -18.42 27.80 1.83
N LEU A 132 -17.86 27.08 0.86
CA LEU A 132 -16.94 25.98 1.15
C LEU A 132 -15.72 26.04 0.25
N ALA A 133 -14.53 25.83 0.81
CA ALA A 133 -13.33 25.69 -0.02
C ALA A 133 -12.62 24.38 0.29
N VAL A 134 -12.20 23.67 -0.75
CA VAL A 134 -11.46 22.43 -0.56
C VAL A 134 -10.08 22.55 -1.23
N LEU A 135 -9.02 22.25 -0.47
CA LEU A 135 -7.65 22.51 -0.93
C LEU A 135 -6.95 21.19 -1.25
N ASP A 136 -6.55 21.10 -2.52
CA ASP A 136 -5.82 19.97 -3.13
C ASP A 136 -6.36 18.58 -2.84
N ILE A 137 -7.67 18.40 -3.03
CA ILE A 137 -8.28 17.08 -2.96
C ILE A 137 -9.30 16.89 -4.06
N LEU A 138 -9.53 15.61 -4.40
CA LEU A 138 -10.74 15.17 -5.07
C LEU A 138 -11.58 14.42 -4.05
N PRO A 139 -12.87 14.17 -4.35
CA PRO A 139 -13.66 13.34 -3.45
C PRO A 139 -13.00 11.98 -3.25
N THR A 140 -13.10 11.42 -2.05
CA THR A 140 -12.60 10.06 -1.81
C THR A 140 -13.08 9.01 -2.84
N TYR A 141 -14.36 9.06 -3.23
CA TYR A 141 -14.83 8.18 -4.29
C TYR A 141 -14.00 8.29 -5.57
N GLU A 142 -13.63 9.52 -5.94
CA GLU A 142 -12.88 9.69 -7.18
C GLU A 142 -11.45 9.17 -7.07
N TYR A 143 -10.80 9.34 -5.90
CA TYR A 143 -9.49 8.75 -5.72
C TYR A 143 -9.55 7.23 -5.95
N TRP A 144 -10.53 6.58 -5.34
CA TRP A 144 -10.58 5.13 -5.48
C TRP A 144 -11.01 4.69 -6.88
N GLN A 145 -11.94 5.40 -7.48
CA GLN A 145 -12.45 4.97 -8.78
C GLN A 145 -11.37 5.02 -9.86
N ARG A 146 -10.38 5.88 -9.69
CA ARG A 146 -9.35 6.00 -10.71
C ARG A 146 -8.19 5.02 -10.43
N MET A 147 -8.32 4.22 -9.37
CA MET A 147 -7.26 3.32 -8.96
C MET A 147 -6.88 2.38 -10.09
N ASN A 148 -5.57 2.36 -10.34
CA ASN A 148 -4.96 1.42 -11.28
C ASN A 148 -3.49 1.29 -10.92
N ARG A 149 -2.70 0.60 -11.75
CA ARG A 149 -1.30 0.42 -11.41
C ARG A 149 -0.57 1.74 -11.16
N ALA A 150 -0.70 2.71 -12.06
CA ALA A 150 0.05 3.95 -11.94
C ALA A 150 -0.31 4.71 -10.65
N TYR A 151 -1.61 4.80 -10.36
CA TYR A 151 -2.04 5.51 -9.16
C TYR A 151 -1.68 4.72 -7.90
N ALA A 152 -1.80 3.39 -7.94
CA ALA A 152 -1.42 2.56 -6.77
C ALA A 152 0.03 2.81 -6.39
N LEU A 153 0.89 2.98 -7.38
CA LEU A 153 2.31 3.19 -7.13
C LEU A 153 2.64 4.63 -6.77
N LYS A 154 1.90 5.57 -7.36
CA LYS A 154 2.20 6.98 -7.14
C LYS A 154 1.75 7.43 -5.76
N ILE A 155 0.60 6.92 -5.32
CA ILE A 155 -0.04 7.37 -4.09
C ILE A 155 -0.40 6.14 -3.23
N TYR A 156 0.61 5.48 -2.66
CA TYR A 156 0.44 4.17 -2.00
C TYR A 156 -0.18 4.21 -0.59
N HIS A 157 -0.11 5.36 0.08
CA HIS A 157 -0.36 5.31 1.51
C HIS A 157 -1.83 5.11 1.86
N TRP A 158 -2.73 5.42 0.92
CA TRP A 158 -4.15 5.15 1.14
C TRP A 158 -4.43 3.68 1.43
N SER A 159 -3.85 2.78 0.65
CA SER A 159 -4.04 1.35 0.85
C SER A 159 -3.19 0.79 1.96
N PHE A 160 -2.01 1.36 2.14
CA PHE A 160 -1.11 0.92 3.22
C PHE A 160 -1.68 1.24 4.62
N LEU A 161 -2.07 2.49 4.84
CA LEU A 161 -2.54 2.88 6.17
C LEU A 161 -3.92 2.28 6.47
N ALA A 162 -4.60 1.83 5.43
CA ALA A 162 -5.90 1.19 5.62
C ALA A 162 -5.82 -0.29 5.92
N GLN A 163 -4.62 -0.86 5.99
CA GLN A 163 -4.51 -2.28 6.32
C GLN A 163 -5.01 -2.51 7.74
N PRO A 164 -5.50 -3.72 8.01
CA PRO A 164 -6.03 -3.95 9.37
C PRO A 164 -4.97 -3.73 10.43
N ALA A 165 -5.39 -3.14 11.54
CA ALA A 165 -4.50 -3.01 12.69
C ALA A 165 -4.07 -4.40 13.15
N PRO A 166 -2.84 -4.51 13.68
CA PRO A 166 -1.90 -3.42 13.94
C PRO A 166 -0.78 -3.30 12.92
N LEU A 167 -1.00 -3.71 11.68
CA LEU A 167 0.10 -3.74 10.71
C LEU A 167 0.71 -2.33 10.45
N PRO A 168 -0.10 -1.34 10.05
CA PRO A 168 0.53 -0.03 9.81
C PRO A 168 1.09 0.55 11.12
N GLU A 169 0.37 0.37 12.21
CA GLU A 169 0.83 0.91 13.50
C GLU A 169 2.20 0.31 13.86
N ASN A 170 2.40 -0.98 13.62
N ASN A 170 2.35 -1.00 13.65
CA ASN A 170 3.66 -1.56 14.04
CA ASN A 170 3.61 -1.67 13.98
C ASN A 170 4.80 -1.16 13.12
C ASN A 170 4.75 -1.11 13.15
N LEU A 171 4.50 -0.94 11.85
CA LEU A 171 5.51 -0.48 10.93
C LEU A 171 5.90 0.96 11.25
N LEU A 172 4.94 1.81 11.59
CA LEU A 172 5.24 3.20 11.85
C LEU A 172 5.96 3.42 13.19
N GLY A 173 5.86 2.45 14.07
N GLY A 173 5.87 2.44 14.08
CA GLY A 173 6.37 2.61 15.42
CA GLY A 173 6.36 2.60 15.43
C GLY A 173 7.87 2.58 15.59
C GLY A 173 7.88 2.57 15.60
N GLY A 174 8.58 1.99 14.63
CA GLY A 174 10.02 1.82 14.75
C GLY A 174 10.79 3.11 14.69
N ASP A 175 10.36 4.01 13.82
CA ASP A 175 11.07 5.24 13.50
C ASP A 175 10.06 6.24 12.97
N PRO A 176 9.13 6.69 13.84
CA PRO A 176 8.06 7.57 13.36
C PRO A 176 8.55 8.90 12.81
N ASP A 177 9.61 9.49 13.37
CA ASP A 177 10.08 10.76 12.84
C ASP A 177 10.39 10.66 11.35
N PHE A 178 11.01 9.56 10.97
CA PHE A 178 11.45 9.40 9.59
C PHE A 178 10.23 9.41 8.66
N TYR A 179 9.17 8.71 9.06
CA TYR A 179 8.02 8.57 8.17
C TYR A 179 7.27 9.89 8.00
N VAL A 180 7.08 10.63 9.09
CA VAL A 180 6.29 11.86 8.98
C VAL A 180 7.08 12.93 8.23
N LYS A 181 8.39 13.00 8.46
CA LYS A 181 9.19 13.96 7.72
C LYS A 181 9.29 13.58 6.24
N ALA A 182 9.29 12.27 5.95
CA ALA A 182 9.36 11.84 4.57
C ALA A 182 8.10 12.19 3.80
N LYS A 183 6.96 12.03 4.47
CA LYS A 183 5.68 12.36 3.84
C LYS A 183 5.54 13.88 3.61
N LEU A 184 5.89 14.68 4.62
CA LEU A 184 5.81 16.12 4.48
C LEU A 184 6.65 16.59 3.30
N ALA A 185 7.89 16.12 3.24
CA ALA A 185 8.78 16.52 2.14
C ALA A 185 8.28 16.02 0.80
N SER A 186 7.83 14.78 0.75
CA SER A 186 7.55 14.14 -0.54
C SER A 186 6.41 14.81 -1.30
N TRP A 187 5.46 15.38 -0.57
CA TRP A 187 4.32 15.96 -1.25
C TRP A 187 4.45 17.46 -1.59
N THR A 188 5.59 18.05 -1.26
CA THR A 188 5.84 19.46 -1.61
C THR A 188 6.32 19.56 -3.06
N ARG A 189 6.32 20.77 -3.61
CA ARG A 189 6.78 20.98 -4.98
C ARG A 189 8.24 20.51 -5.13
N ALA A 190 9.10 20.91 -4.20
CA ALA A 190 10.54 20.63 -4.30
C ALA A 190 10.95 19.28 -3.73
N GLY A 191 10.12 18.69 -2.89
CA GLY A 191 10.45 17.39 -2.34
C GLY A 191 11.34 17.43 -1.12
N ASP A 192 11.39 18.58 -0.46
CA ASP A 192 12.18 18.74 0.76
C ASP A 192 11.30 19.39 1.83
N LEU A 193 11.90 19.75 2.96
CA LEU A 193 11.16 20.40 4.03
C LEU A 193 11.25 21.93 3.99
N SER A 194 11.77 22.50 2.88
CA SER A 194 12.06 23.94 2.88
C SER A 194 10.81 24.83 2.89
N ALA A 195 9.67 24.29 2.50
CA ALA A 195 8.43 25.06 2.52
C ALA A 195 7.87 25.26 3.93
N PHE A 196 8.35 24.46 4.87
CA PHE A 196 7.74 24.46 6.21
C PHE A 196 8.54 25.27 7.19
N ASP A 197 7.85 26.00 8.05
CA ASP A 197 8.52 26.62 9.19
C ASP A 197 8.96 25.47 10.11
N PRO A 198 10.24 25.43 10.50
CA PRO A 198 10.68 24.31 11.34
C PRO A 198 9.89 24.16 12.63
N ARG A 199 9.32 25.26 13.10
CA ARG A 199 8.55 25.19 14.34
C ARG A 199 7.24 24.46 14.06
N ALA A 200 6.74 24.61 12.83
CA ALA A 200 5.51 23.89 12.46
C ALA A 200 5.84 22.42 12.29
N VAL A 201 7.01 22.13 11.71
CA VAL A 201 7.39 20.74 11.53
C VAL A 201 7.47 20.04 12.89
N GLU A 202 7.98 20.76 13.89
CA GLU A 202 8.08 20.17 15.22
C GLU A 202 6.71 19.83 15.83
N HIS A 203 5.71 20.71 15.64
CA HIS A 203 4.33 20.37 16.01
C HIS A 203 3.88 19.06 15.36
N TYR A 204 4.15 18.91 14.07
CA TYR A 204 3.69 17.69 13.35
C TYR A 204 4.45 16.48 13.86
N ARG A 205 5.73 16.67 14.12
CA ARG A 205 6.56 15.57 14.57
C ARG A 205 6.13 15.08 15.96
N ILE A 206 5.85 16.02 16.86
CA ILE A 206 5.43 15.68 18.22
C ILE A 206 4.08 14.96 18.22
N ALA A 207 3.12 15.42 17.42
CA ALA A 207 1.87 14.68 17.28
C ALA A 207 2.12 13.27 16.77
N PHE A 208 2.92 13.15 15.71
CA PHE A 208 3.17 11.85 15.09
C PHE A 208 3.95 10.90 16.01
N ALA A 209 4.61 11.44 17.03
CA ALA A 209 5.41 10.65 17.95
C ALA A 209 4.57 9.86 18.97
N ASP A 210 3.29 10.22 19.06
CA ASP A 210 2.36 9.54 19.96
C ASP A 210 1.69 8.35 19.25
N PRO A 211 1.91 7.12 19.72
CA PRO A 211 1.27 5.97 19.09
C PRO A 211 -0.26 6.08 19.05
N MET A 212 -0.86 6.77 20.02
CA MET A 212 -2.31 6.92 19.98
C MET A 212 -2.70 7.83 18.82
N ARG A 213 -1.89 8.85 18.56
CA ARG A 213 -2.19 9.78 17.48
C ARG A 213 -1.98 9.05 16.14
N ARG A 214 -0.97 8.18 16.07
CA ARG A 214 -0.74 7.42 14.83
C ARG A 214 -1.90 6.44 14.57
N HIS A 215 -2.41 5.82 15.63
CA HIS A 215 -3.53 4.93 15.46
C HIS A 215 -4.74 5.65 14.89
N VAL A 216 -5.04 6.85 15.42
CA VAL A 216 -6.12 7.68 14.87
C VAL A 216 -5.92 7.93 13.36
N MET A 217 -4.69 8.25 12.98
CA MET A 217 -4.43 8.48 11.56
C MET A 217 -4.74 7.24 10.73
N CYS A 218 -4.32 6.09 11.22
CA CYS A 218 -4.66 4.85 10.51
C CYS A 218 -6.18 4.60 10.46
N GLU A 219 -6.89 4.82 11.56
CA GLU A 219 -8.36 4.72 11.57
C GLU A 219 -9.02 5.67 10.54
N ASP A 220 -8.45 6.86 10.41
CA ASP A 220 -8.90 7.86 9.45
C ASP A 220 -8.78 7.31 8.03
N TYR A 221 -7.61 6.74 7.73
CA TYR A 221 -7.44 6.14 6.41
C TYR A 221 -8.24 4.84 6.23
N ARG A 222 -8.47 4.08 7.30
CA ARG A 222 -9.39 2.95 7.21
C ARG A 222 -10.81 3.41 6.86
N ALA A 223 -11.30 4.41 7.57
CA ALA A 223 -12.56 5.05 7.17
C ALA A 223 -12.51 5.48 5.70
N GLY A 224 -11.38 6.05 5.28
CA GLY A 224 -11.21 6.52 3.91
C GLY A 224 -11.34 5.42 2.87
N ALA A 225 -11.00 4.19 3.24
CA ALA A 225 -11.03 3.07 2.30
C ALA A 225 -12.40 2.39 2.31
N TYR A 226 -13.16 2.58 3.40
CA TYR A 226 -14.41 1.81 3.61
C TYR A 226 -15.60 2.74 3.77
N ALA A 227 -16.02 3.08 4.99
CA ALA A 227 -17.25 3.86 5.13
C ALA A 227 -17.26 5.17 4.35
N ASP A 228 -16.15 5.94 4.35
CA ASP A 228 -16.14 7.24 3.63
C ASP A 228 -16.39 7.05 2.15
N PHE A 229 -15.76 6.01 1.59
CA PHE A 229 -15.93 5.65 0.19
C PHE A 229 -17.39 5.26 -0.06
N GLU A 230 -17.97 4.44 0.82
CA GLU A 230 -19.36 4.05 0.66
C GLU A 230 -20.32 5.24 0.75
N HIS A 231 -20.06 6.16 1.67
CA HIS A 231 -20.90 7.34 1.78
C HIS A 231 -20.85 8.15 0.51
N ASP A 232 -19.64 8.30 -0.02
CA ASP A 232 -19.46 9.05 -1.26
C ASP A 232 -20.18 8.38 -2.43
N LYS A 233 -20.01 7.06 -2.51
CA LYS A 233 -20.60 6.26 -3.59
C LYS A 233 -22.11 6.45 -3.64
N ILE A 234 -22.73 6.45 -2.47
CA ILE A 234 -24.18 6.67 -2.43
C ILE A 234 -24.55 8.03 -3.06
N ASP A 235 -23.82 9.08 -2.71
CA ASP A 235 -24.12 10.38 -3.27
C ASP A 235 -23.89 10.44 -4.77
N VAL A 236 -22.79 9.91 -5.26
CA VAL A 236 -22.51 10.08 -6.69
C VAL A 236 -23.46 9.20 -7.51
N GLU A 237 -23.84 8.03 -6.98
CA GLU A 237 -24.75 7.16 -7.73
C GLU A 237 -26.17 7.72 -7.69
N ALA A 238 -26.49 8.52 -6.68
CA ALA A 238 -27.78 9.19 -6.63
C ALA A 238 -27.81 10.54 -7.37
N GLY A 239 -26.64 11.00 -7.82
CA GLY A 239 -26.51 12.28 -8.48
C GLY A 239 -26.68 13.47 -7.56
N ASN A 240 -26.34 13.30 -6.28
CA ASN A 240 -26.43 14.42 -5.34
C ASN A 240 -25.25 15.35 -5.53
N LYS A 241 -25.54 16.64 -5.70
CA LYS A 241 -24.48 17.64 -5.80
C LYS A 241 -24.56 18.63 -4.65
N ILE A 242 -23.41 19.09 -4.21
CA ILE A 242 -23.33 20.12 -3.17
C ILE A 242 -23.87 21.42 -3.75
N PRO A 243 -24.84 22.04 -3.07
CA PRO A 243 -25.41 23.30 -3.55
C PRO A 243 -24.71 24.53 -2.97
N VAL A 244 -23.89 24.33 -1.94
CA VAL A 244 -23.15 25.43 -1.31
C VAL A 244 -22.15 25.98 -2.31
N PRO A 245 -22.10 27.30 -2.47
CA PRO A 245 -21.05 27.85 -3.35
C PRO A 245 -19.67 27.36 -2.90
N MET A 246 -18.88 26.92 -3.88
CA MET A 246 -17.68 26.16 -3.60
C MET A 246 -16.46 26.66 -4.36
N LEU A 247 -15.31 26.57 -3.72
CA LEU A 247 -14.02 26.82 -4.37
C LEU A 247 -13.16 25.58 -4.26
N ALA A 248 -12.65 25.09 -5.39
CA ALA A 248 -11.63 24.04 -5.38
C ALA A 248 -10.29 24.64 -5.76
N LEU A 249 -9.35 24.69 -4.81
CA LEU A 249 -8.01 25.20 -5.04
C LEU A 249 -7.07 24.04 -5.00
N TRP A 250 -6.23 23.86 -6.03
CA TRP A 250 -5.29 22.75 -5.97
C TRP A 250 -3.87 23.14 -6.36
N GLY A 251 -2.91 22.28 -6.04
CA GLY A 251 -1.53 22.53 -6.38
C GLY A 251 -1.23 21.94 -7.74
N ALA A 252 -0.50 22.68 -8.57
CA ALA A 252 -0.12 22.17 -9.88
C ALA A 252 0.74 20.91 -9.77
N SER A 253 1.45 20.76 -8.65
CA SER A 253 2.23 19.56 -8.39
C SER A 253 1.67 18.75 -7.24
N GLY A 254 0.40 18.98 -6.93
CA GLY A 254 -0.24 18.27 -5.83
C GLY A 254 -0.72 16.87 -6.10
N ILE A 255 -1.44 16.32 -5.11
CA ILE A 255 -1.95 14.95 -5.16
C ILE A 255 -3.25 14.83 -5.96
N ALA A 256 -4.10 15.86 -5.88
CA ALA A 256 -5.43 15.83 -6.48
C ALA A 256 -5.34 15.81 -8.00
N GLN A 257 -4.34 16.49 -8.56
CA GLN A 257 -4.17 16.49 -10.01
C GLN A 257 -3.36 15.27 -10.49
N THR A 261 -8.64 17.48 -14.90
CA THR A 261 -8.65 18.71 -14.11
C THR A 261 -9.59 18.58 -12.91
N PRO A 262 -9.09 18.91 -11.71
CA PRO A 262 -9.91 18.81 -10.51
C PRO A 262 -11.21 19.59 -10.60
N LEU A 263 -11.22 20.73 -11.28
CA LEU A 263 -12.45 21.50 -11.39
C LEU A 263 -13.50 20.70 -12.16
N ASP A 264 -13.08 19.97 -13.18
CA ASP A 264 -13.98 19.12 -13.93
C ASP A 264 -14.56 18.00 -13.07
N VAL A 265 -13.72 17.45 -12.22
CA VAL A 265 -14.21 16.45 -11.27
C VAL A 265 -15.19 17.09 -10.31
N TRP A 266 -14.83 18.23 -9.73
CA TRP A 266 -15.71 18.83 -8.74
C TRP A 266 -17.05 19.28 -9.34
N ARG A 267 -17.07 19.63 -10.63
CA ARG A 267 -18.34 20.04 -11.23
C ARG A 267 -19.37 18.91 -11.25
N LYS A 268 -18.89 17.66 -11.20
CA LYS A 268 -19.74 16.46 -11.02
C LYS A 268 -20.39 16.38 -9.65
N TRP A 269 -19.73 17.01 -8.68
CA TRP A 269 -20.10 16.88 -7.26
C TRP A 269 -20.74 18.12 -6.67
N ALA A 270 -20.76 19.21 -7.42
CA ALA A 270 -21.15 20.51 -6.88
C ALA A 270 -21.77 21.33 -8.00
N SER A 271 -22.87 22.03 -7.71
CA SER A 271 -23.59 22.75 -8.74
C SER A 271 -23.14 24.19 -8.90
N ASP A 272 -22.34 24.67 -7.98
CA ASP A 272 -21.85 26.05 -8.03
C ASP A 272 -20.41 26.09 -7.55
N VAL A 273 -19.50 25.62 -8.41
CA VAL A 273 -18.11 25.50 -8.00
C VAL A 273 -17.21 26.30 -8.94
N GLN A 274 -16.23 26.97 -8.35
CA GLN A 274 -15.17 27.61 -9.13
C GLN A 274 -13.85 27.05 -8.66
N GLY A 275 -12.80 27.26 -9.43
CA GLY A 275 -11.55 26.66 -9.04
C GLY A 275 -10.35 27.21 -9.78
N ALA A 276 -9.19 27.00 -9.18
CA ALA A 276 -7.94 27.36 -9.82
C ALA A 276 -6.80 26.55 -9.26
N PRO A 277 -5.79 26.33 -10.08
CA PRO A 277 -4.51 25.82 -9.61
C PRO A 277 -3.64 26.94 -9.04
N ILE A 278 -2.69 26.53 -8.21
CA ILE A 278 -1.62 27.37 -7.71
C ILE A 278 -0.34 26.58 -7.88
N GLU A 279 0.74 27.25 -8.28
CA GLU A 279 2.02 26.57 -8.39
C GLU A 279 2.50 26.20 -7.00
N SER A 280 2.38 24.90 -6.72
CA SER A 280 2.60 24.38 -5.37
C SER A 280 2.54 22.88 -5.43
N GLY A 281 3.17 22.21 -4.47
CA GLY A 281 2.80 20.83 -4.18
C GLY A 281 1.51 20.79 -3.37
N HIS A 282 1.37 19.75 -2.57
CA HIS A 282 0.13 19.50 -1.83
C HIS A 282 -0.21 20.52 -0.74
N PHE A 283 0.82 21.06 -0.09
CA PHE A 283 0.62 21.84 1.12
C PHE A 283 0.45 23.34 0.82
N LEU A 284 -0.68 23.67 0.19
CA LEU A 284 -0.91 25.02 -0.34
C LEU A 284 -0.70 26.12 0.69
N PRO A 285 -1.28 25.97 1.91
CA PRO A 285 -1.17 27.11 2.83
C PRO A 285 0.25 27.38 3.33
N GLU A 286 1.15 26.42 3.19
CA GLU A 286 2.53 26.62 3.62
C GLU A 286 3.47 26.86 2.45
N GLU A 287 3.24 26.16 1.33
CA GLU A 287 4.07 26.35 0.15
C GLU A 287 3.76 27.66 -0.56
N ALA A 288 2.49 28.05 -0.56
CA ALA A 288 2.05 29.25 -1.26
C ALA A 288 1.10 30.07 -0.41
N PRO A 289 1.62 30.61 0.71
CA PRO A 289 0.72 31.21 1.70
C PRO A 289 0.01 32.50 1.21
N ASP A 290 0.71 33.37 0.50
CA ASP A 290 0.10 34.64 0.08
C ASP A 290 -0.99 34.41 -0.97
N GLN A 291 -0.68 33.54 -1.94
CA GLN A 291 -1.68 33.19 -2.94
C GLN A 291 -2.87 32.44 -2.37
N THR A 292 -2.62 31.52 -1.45
CA THR A 292 -3.71 30.79 -0.83
C THR A 292 -4.59 31.75 0.00
N ALA A 293 -3.95 32.58 0.82
CA ALA A 293 -4.69 33.55 1.64
C ALA A 293 -5.51 34.49 0.78
N GLU A 294 -4.93 34.96 -0.32
CA GLU A 294 -5.65 35.84 -1.23
C GLU A 294 -6.85 35.16 -1.88
N ALA A 295 -6.65 33.96 -2.39
CA ALA A 295 -7.75 33.22 -3.02
C ALA A 295 -8.92 33.01 -2.05
N LEU A 296 -8.59 32.65 -0.81
CA LEU A 296 -9.61 32.40 0.21
C LEU A 296 -10.35 33.68 0.64
N VAL A 297 -9.59 34.75 0.88
CA VAL A 297 -10.19 36.04 1.24
C VAL A 297 -11.13 36.51 0.13
N ARG A 298 -10.66 36.42 -1.11
CA ARG A 298 -11.51 36.87 -2.21
C ARG A 298 -12.76 36.00 -2.40
N PHE A 299 -12.62 34.68 -2.25
CA PHE A 299 -13.76 33.79 -2.40
C PHE A 299 -14.78 34.00 -1.28
N PHE A 300 -14.31 34.04 -0.04
CA PHE A 300 -15.23 34.13 1.10
C PHE A 300 -15.81 35.53 1.26
N SER A 301 -15.19 36.52 0.62
CA SER A 301 -15.67 37.90 0.76
C SER A 301 -16.69 38.26 -0.30
N ALA A 302 -16.62 37.57 -1.43
CA ALA A 302 -17.53 37.80 -2.54
C ALA A 302 -18.95 37.35 -2.18
N LEU B 6 18.59 -22.85 11.26
CA LEU B 6 18.84 -24.12 11.94
C LEU B 6 17.70 -25.10 11.65
N ALA B 7 18.00 -26.40 11.78
CA ALA B 7 17.10 -27.56 11.49
C ALA B 7 17.10 -28.00 10.02
N ASP B 8 17.45 -29.26 9.82
CA ASP B 8 17.47 -29.92 8.51
C ASP B 8 16.12 -30.57 8.22
N LEU B 9 15.35 -29.95 7.32
CA LEU B 9 14.00 -30.39 7.02
C LEU B 9 13.91 -31.25 5.75
N PHE B 10 15.05 -31.68 5.24
CA PHE B 10 15.08 -32.47 4.01
C PHE B 10 15.88 -33.75 4.17
N PRO B 11 15.28 -34.77 4.81
CA PRO B 11 15.96 -36.06 5.00
C PRO B 11 16.35 -36.63 3.65
N GLY B 12 17.62 -37.05 3.53
CA GLY B 12 18.11 -37.65 2.31
C GLY B 12 18.41 -36.68 1.17
N PHE B 13 18.53 -35.39 1.50
CA PHE B 13 18.93 -34.39 0.52
C PHE B 13 20.33 -33.87 0.83
N GLY B 14 21.18 -33.72 -0.18
CA GLY B 14 22.43 -33.02 -0.01
C GLY B 14 22.25 -31.50 0.01
N SER B 15 23.34 -30.80 0.25
CA SER B 15 23.38 -29.33 0.22
C SER B 15 24.47 -28.87 -0.75
N GLU B 16 24.09 -28.04 -1.72
CA GLU B 16 25.00 -27.60 -2.77
C GLU B 16 24.97 -26.10 -2.96
N TRP B 17 26.16 -25.52 -3.15
CA TRP B 17 26.33 -24.17 -3.61
C TRP B 17 26.66 -24.23 -5.09
N ILE B 18 25.81 -23.65 -5.92
CA ILE B 18 26.01 -23.71 -7.36
C ILE B 18 26.47 -22.38 -7.88
N ASN B 19 27.64 -22.35 -8.51
CA ASN B 19 28.21 -21.14 -9.10
C ASN B 19 27.49 -20.62 -10.34
N THR B 20 27.33 -19.30 -10.42
CA THR B 20 26.88 -18.66 -11.66
C THR B 20 27.59 -17.34 -11.86
N SER B 21 27.41 -16.76 -13.04
CA SER B 21 28.03 -15.47 -13.35
C SER B 21 27.50 -14.34 -12.45
N SER B 22 26.39 -14.57 -11.74
CA SER B 22 25.82 -13.52 -10.87
C SER B 22 25.93 -13.82 -9.37
N GLY B 23 26.55 -14.94 -9.03
CA GLY B 23 26.70 -15.38 -7.65
C GLY B 23 26.15 -16.77 -7.42
N ARG B 24 26.40 -17.33 -6.23
CA ARG B 24 26.00 -18.69 -5.92
C ARG B 24 24.52 -18.84 -5.69
N ILE B 25 23.98 -19.95 -6.15
CA ILE B 25 22.63 -20.37 -5.78
C ILE B 25 22.72 -21.51 -4.78
N PHE B 26 22.06 -21.39 -3.63
CA PHE B 26 22.03 -22.52 -2.69
C PHE B 26 20.88 -23.46 -3.03
N ALA B 27 21.11 -24.77 -2.91
CA ALA B 27 20.04 -25.70 -3.14
C ALA B 27 20.17 -26.97 -2.29
N ARG B 28 19.04 -27.50 -1.87
CA ARG B 28 19.01 -28.86 -1.33
C ARG B 28 18.74 -29.78 -2.52
N VAL B 29 19.49 -30.89 -2.61
CA VAL B 29 19.35 -31.76 -3.77
C VAL B 29 19.13 -33.21 -3.33
N GLY B 30 18.07 -33.83 -3.85
CA GLY B 30 17.72 -35.18 -3.45
C GLY B 30 17.07 -35.97 -4.57
N GLY B 31 17.06 -37.29 -4.44
CA GLY B 31 16.36 -38.13 -5.40
C GLY B 31 17.18 -38.53 -6.62
N ASP B 32 16.50 -39.19 -7.54
CA ASP B 32 17.06 -39.59 -8.82
C ASP B 32 15.97 -39.69 -9.85
N GLY B 33 16.34 -39.66 -11.13
CA GLY B 33 15.35 -39.68 -12.17
C GLY B 33 15.37 -38.34 -12.87
N PRO B 34 14.28 -38.01 -13.58
CA PRO B 34 14.23 -36.76 -14.35
C PRO B 34 14.36 -35.57 -13.42
N PRO B 35 15.05 -34.51 -13.87
CA PRO B 35 15.30 -33.35 -12.98
C PRO B 35 14.11 -32.42 -12.84
N LEU B 36 13.91 -31.97 -11.60
CA LEU B 36 12.80 -31.11 -11.27
C LEU B 36 13.28 -30.01 -10.34
N LEU B 37 13.15 -28.76 -10.78
CA LEU B 37 13.55 -27.61 -9.99
C LEU B 37 12.33 -27.03 -9.27
N LEU B 38 12.48 -26.78 -7.96
CA LEU B 38 11.42 -26.16 -7.15
C LEU B 38 11.84 -24.75 -6.70
N LEU B 39 10.99 -23.76 -6.95
CA LEU B 39 11.32 -22.37 -6.61
C LEU B 39 10.29 -21.71 -5.70
N HIS B 40 10.75 -21.34 -4.51
CA HIS B 40 9.96 -20.63 -3.50
C HIS B 40 9.68 -19.19 -3.90
N GLY B 41 8.92 -18.51 -3.04
CA GLY B 41 8.76 -17.06 -3.14
C GLY B 41 8.88 -16.34 -1.80
N PHE B 42 8.12 -15.25 -1.69
CA PHE B 42 8.18 -14.30 -0.57
C PHE B 42 7.07 -14.57 0.44
N PRO B 43 7.36 -14.48 1.74
CA PRO B 43 8.66 -14.19 2.36
C PRO B 43 9.31 -15.47 2.89
N GLN B 44 9.66 -16.35 1.98
CA GLN B 44 10.13 -17.69 2.36
C GLN B 44 11.47 -17.99 1.74
N THR B 45 11.88 -19.24 1.89
CA THR B 45 13.10 -19.75 1.31
C THR B 45 12.80 -21.14 0.79
N HIS B 46 13.82 -21.83 0.28
CA HIS B 46 13.63 -23.17 -0.24
C HIS B 46 12.92 -24.12 0.75
N VAL B 47 13.02 -23.83 2.05
CA VAL B 47 12.51 -24.80 3.01
C VAL B 47 10.99 -24.92 2.96
N MET B 48 10.31 -23.96 2.31
CA MET B 48 8.87 -24.06 2.14
C MET B 48 8.42 -25.37 1.43
N TRP B 49 9.34 -26.01 0.70
CA TRP B 49 9.02 -27.24 -0.02
C TRP B 49 9.21 -28.49 0.83
N HIS B 50 9.49 -28.36 2.13
CA HIS B 50 9.98 -29.54 2.88
C HIS B 50 8.92 -30.63 3.05
N ARG B 51 7.64 -30.25 2.94
N ARG B 51 7.64 -30.26 2.97
CA ARG B 51 6.54 -31.19 3.12
CA ARG B 51 6.61 -31.27 3.14
C ARG B 51 6.09 -31.87 1.83
C ARG B 51 6.36 -32.07 1.85
N VAL B 52 6.66 -31.46 0.69
CA VAL B 52 6.32 -32.11 -0.59
C VAL B 52 7.54 -32.62 -1.36
N ALA B 53 8.72 -32.06 -1.10
CA ALA B 53 9.93 -32.50 -1.81
C ALA B 53 10.23 -33.99 -1.62
N PRO B 54 10.05 -34.54 -0.39
CA PRO B 54 10.30 -36.00 -0.26
C PRO B 54 9.50 -36.89 -1.21
N LYS B 55 8.20 -36.67 -1.27
CA LYS B 55 7.32 -37.37 -2.18
C LYS B 55 7.75 -37.21 -3.64
N LEU B 56 8.23 -36.02 -4.00
CA LEU B 56 8.63 -35.79 -5.37
C LEU B 56 9.93 -36.50 -5.69
N ALA B 57 10.81 -36.58 -4.69
CA ALA B 57 12.12 -37.17 -4.84
C ALA B 57 12.01 -38.69 -4.90
N GLU B 58 10.80 -39.20 -4.68
CA GLU B 58 10.53 -40.62 -4.89
C GLU B 58 10.67 -40.96 -6.37
N ARG B 59 10.46 -39.95 -7.22
CA ARG B 59 10.33 -40.19 -8.65
C ARG B 59 11.23 -39.31 -9.49
N PHE B 60 11.75 -38.25 -8.88
CA PHE B 60 12.55 -37.26 -9.60
C PHE B 60 13.84 -36.91 -8.87
N LYS B 61 14.81 -36.35 -9.61
CA LYS B 61 15.93 -35.67 -8.97
C LYS B 61 15.42 -34.27 -8.69
N VAL B 62 15.36 -33.91 -7.41
CA VAL B 62 14.69 -32.68 -7.01
C VAL B 62 15.72 -31.68 -6.53
N ILE B 63 15.66 -30.48 -7.10
CA ILE B 63 16.60 -29.42 -6.79
C ILE B 63 15.77 -28.32 -6.17
N VAL B 64 16.02 -28.05 -4.88
CA VAL B 64 15.24 -27.07 -4.13
C VAL B 64 16.11 -25.84 -3.90
N ALA B 65 15.92 -24.80 -4.71
CA ALA B 65 16.84 -23.66 -4.77
C ALA B 65 16.33 -22.43 -4.05
N ASP B 66 17.23 -21.72 -3.37
CA ASP B 66 16.96 -20.35 -2.95
C ASP B 66 17.05 -19.43 -4.16
N LEU B 67 16.03 -18.60 -4.36
CA LEU B 67 16.05 -17.58 -5.41
C LEU B 67 17.30 -16.71 -5.31
N PRO B 68 17.75 -16.16 -6.45
CA PRO B 68 18.82 -15.16 -6.39
C PRO B 68 18.53 -14.13 -5.30
N GLY B 69 19.48 -13.89 -4.39
CA GLY B 69 19.29 -12.88 -3.35
C GLY B 69 18.50 -13.31 -2.14
N TYR B 70 17.88 -14.49 -2.18
CA TYR B 70 17.08 -15.03 -1.08
C TYR B 70 17.79 -16.14 -0.32
N GLY B 71 17.47 -16.28 0.95
CA GLY B 71 17.93 -17.41 1.75
C GLY B 71 19.44 -17.44 1.91
N TRP B 72 20.07 -18.47 1.36
CA TRP B 72 21.52 -18.56 1.44
C TRP B 72 22.16 -18.30 0.09
N SER B 73 21.35 -18.03 -0.94
CA SER B 73 21.93 -17.66 -2.23
C SER B 73 22.61 -16.31 -2.12
N ASP B 74 23.62 -16.08 -2.96
CA ASP B 74 24.30 -14.79 -2.92
C ASP B 74 23.35 -13.67 -3.36
N MET B 75 23.71 -12.44 -3.01
CA MET B 75 22.90 -11.27 -3.36
C MET B 75 23.63 -10.41 -4.39
N PRO B 76 23.36 -10.60 -5.68
CA PRO B 76 24.02 -9.71 -6.65
C PRO B 76 23.64 -8.24 -6.44
N GLU B 77 24.56 -7.33 -6.73
CA GLU B 77 24.27 -5.90 -6.58
C GLU B 77 23.19 -5.48 -7.53
N SER B 78 22.22 -4.71 -7.04
CA SER B 78 21.13 -4.29 -7.88
C SER B 78 21.54 -3.00 -8.59
N ASP B 79 20.64 -2.47 -9.41
CA ASP B 79 20.84 -1.18 -10.05
C ASP B 79 19.52 -0.41 -10.10
N GLU B 80 19.53 0.74 -10.77
CA GLU B 80 18.37 1.61 -10.83
C GLU B 80 17.15 0.99 -11.50
N GLN B 81 17.34 -0.07 -12.28
CA GLN B 81 16.23 -0.74 -12.92
C GLN B 81 15.95 -2.09 -12.25
N HIS B 82 16.61 -2.33 -11.11
CA HIS B 82 16.39 -3.52 -10.30
C HIS B 82 16.71 -4.79 -11.07
N THR B 83 17.60 -4.69 -12.05
CA THR B 83 17.83 -5.73 -13.05
C THR B 83 18.01 -7.16 -12.50
N PRO B 84 18.92 -7.35 -11.54
CA PRO B 84 19.17 -8.75 -11.15
C PRO B 84 17.99 -9.40 -10.42
N TYR B 85 17.03 -8.59 -10.00
CA TYR B 85 15.88 -9.17 -9.29
C TYR B 85 14.61 -9.13 -10.15
N THR B 86 14.77 -8.73 -11.43
CA THR B 86 13.73 -8.97 -12.43
C THR B 86 13.60 -10.47 -12.65
N LYS B 87 12.40 -10.92 -13.02
CA LYS B 87 12.21 -12.35 -13.16
C LYS B 87 12.98 -12.86 -14.40
N ARG B 88 13.15 -12.00 -15.41
CA ARG B 88 13.91 -12.37 -16.59
C ARG B 88 15.36 -12.67 -16.20
N ALA B 89 15.94 -11.81 -15.37
CA ALA B 89 17.31 -12.02 -14.90
C ALA B 89 17.41 -13.22 -13.98
N MET B 90 16.46 -13.36 -13.06
CA MET B 90 16.49 -14.47 -12.13
C MET B 90 16.42 -15.78 -12.90
N ALA B 91 15.58 -15.81 -13.94
CA ALA B 91 15.44 -17.00 -14.75
C ALA B 91 16.75 -17.31 -15.47
N LYS B 92 17.41 -16.28 -16.00
CA LYS B 92 18.70 -16.51 -16.66
C LYS B 92 19.72 -17.08 -15.67
N GLN B 93 19.72 -16.56 -14.46
CA GLN B 93 20.67 -17.01 -13.44
C GLN B 93 20.41 -18.46 -13.06
N LEU B 94 19.14 -18.83 -12.92
CA LEU B 94 18.81 -20.22 -12.55
C LEU B 94 19.07 -21.17 -13.72
N ILE B 95 18.90 -20.71 -14.97
CA ILE B 95 19.28 -21.51 -16.13
C ILE B 95 20.79 -21.78 -16.08
N GLU B 96 21.59 -20.78 -15.70
CA GLU B 96 23.05 -21.01 -15.57
C GLU B 96 23.33 -22.03 -14.47
N ALA B 97 22.65 -21.89 -13.34
CA ALA B 97 22.85 -22.81 -12.23
C ALA B 97 22.50 -24.23 -12.66
N MET B 98 21.38 -24.40 -13.35
CA MET B 98 21.01 -25.75 -13.78
C MET B 98 22.05 -26.32 -14.78
N GLU B 99 22.63 -25.46 -15.61
CA GLU B 99 23.69 -25.92 -16.55
C GLU B 99 24.92 -26.43 -15.81
N GLN B 100 25.21 -25.87 -14.64
CA GLN B 100 26.33 -26.33 -13.81
C GLN B 100 26.12 -27.77 -13.37
N LEU B 101 24.85 -28.17 -13.25
CA LEU B 101 24.51 -29.54 -12.90
C LEU B 101 24.29 -30.40 -14.17
N GLY B 102 24.46 -29.82 -15.35
CA GLY B 102 24.22 -30.58 -16.57
C GLY B 102 22.75 -30.73 -16.93
N HIS B 103 21.90 -29.86 -16.40
CA HIS B 103 20.47 -29.92 -16.70
C HIS B 103 20.08 -28.80 -17.66
N VAL B 104 19.83 -29.14 -18.91
CA VAL B 104 19.42 -28.12 -19.88
C VAL B 104 17.99 -28.29 -20.34
N HIS B 105 17.31 -29.32 -19.81
CA HIS B 105 15.91 -29.54 -20.08
C HIS B 105 15.32 -30.23 -18.85
N PHE B 106 14.45 -29.54 -18.14
CA PHE B 106 14.04 -29.98 -16.82
C PHE B 106 12.61 -29.59 -16.56
N ALA B 107 12.01 -30.20 -15.53
CA ALA B 107 10.70 -29.80 -15.05
C ALA B 107 10.86 -28.72 -13.98
N LEU B 108 9.82 -27.90 -13.81
CA LEU B 108 9.93 -26.71 -12.95
C LEU B 108 8.58 -26.42 -12.28
N ALA B 109 8.63 -26.24 -10.97
CA ALA B 109 7.45 -25.82 -10.21
C ALA B 109 7.85 -24.64 -9.36
N GLY B 110 7.01 -23.60 -9.32
CA GLY B 110 7.31 -22.41 -8.55
C GLY B 110 6.08 -21.96 -7.79
N HIS B 111 6.31 -21.19 -6.72
CA HIS B 111 5.26 -20.63 -5.88
C HIS B 111 5.57 -19.16 -5.68
N ASN B 112 4.55 -18.30 -5.75
CA ASN B 112 4.74 -16.88 -5.40
C ASN B 112 5.84 -16.31 -6.33
N ARG B 113 6.84 -15.57 -5.81
CA ARG B 113 7.85 -14.98 -6.69
C ARG B 113 8.52 -16.04 -7.60
N GLY B 114 8.72 -17.24 -7.06
CA GLY B 114 9.37 -18.30 -7.82
C GLY B 114 8.52 -18.78 -8.99
N ALA B 115 7.19 -18.71 -8.85
CA ALA B 115 6.32 -19.05 -9.97
C ALA B 115 6.37 -17.97 -11.05
N ARG B 116 6.67 -16.72 -10.65
CA ARG B 116 6.89 -15.65 -11.63
C ARG B 116 8.22 -15.85 -12.39
N VAL B 117 9.29 -16.16 -11.67
CA VAL B 117 10.50 -16.62 -12.35
C VAL B 117 10.18 -17.73 -13.32
N SER B 118 9.37 -18.69 -12.88
CA SER B 118 9.09 -19.85 -13.70
C SER B 118 8.32 -19.54 -14.98
N TYR B 119 7.24 -18.74 -14.94
CA TYR B 119 6.53 -18.52 -16.20
C TYR B 119 7.32 -17.57 -17.09
N ARG B 120 8.08 -16.65 -16.47
CA ARG B 120 8.97 -15.81 -17.28
C ARG B 120 10.04 -16.70 -17.97
N LEU B 121 10.57 -17.68 -17.25
CA LEU B 121 11.53 -18.61 -17.85
C LEU B 121 10.88 -19.31 -19.05
N ALA B 122 9.64 -19.74 -18.88
CA ALA B 122 8.96 -20.48 -19.95
C ALA B 122 8.72 -19.58 -21.16
N LEU B 123 8.42 -18.29 -20.93
CA LEU B 123 8.21 -17.38 -22.05
C LEU B 123 9.52 -17.05 -22.80
N ASP B 124 10.62 -16.89 -22.06
CA ASP B 124 11.90 -16.49 -22.65
C ASP B 124 12.65 -17.67 -23.26
N SER B 125 12.59 -18.81 -22.58
CA SER B 125 13.42 -19.96 -22.92
C SER B 125 12.62 -21.26 -22.80
N PRO B 126 11.56 -21.40 -23.60
CA PRO B 126 10.70 -22.57 -23.41
C PRO B 126 11.41 -23.92 -23.66
N GLY B 127 12.50 -23.89 -24.43
CA GLY B 127 13.25 -25.11 -24.71
C GLY B 127 13.89 -25.70 -23.48
N ARG B 128 13.98 -24.91 -22.41
CA ARG B 128 14.59 -25.37 -21.17
C ARG B 128 13.66 -26.26 -20.37
N LEU B 129 12.36 -26.20 -20.68
CA LEU B 129 11.36 -26.84 -19.83
C LEU B 129 10.59 -27.99 -20.50
N SER B 130 10.52 -29.12 -19.79
CA SER B 130 9.67 -30.21 -20.24
C SER B 130 8.22 -29.98 -19.81
N LYS B 131 8.04 -29.56 -18.56
CA LYS B 131 6.72 -29.21 -17.99
C LYS B 131 6.89 -28.11 -16.95
N LEU B 132 5.80 -27.37 -16.68
CA LEU B 132 5.82 -26.23 -15.79
C LEU B 132 4.62 -26.25 -14.85
N ALA B 133 4.83 -26.09 -13.55
CA ALA B 133 3.73 -25.87 -12.64
C ALA B 133 3.89 -24.53 -11.90
N VAL B 134 2.79 -23.78 -11.82
CA VAL B 134 2.78 -22.53 -11.08
C VAL B 134 1.75 -22.67 -9.94
N LEU B 135 2.13 -22.24 -8.74
CA LEU B 135 1.26 -22.37 -7.57
C LEU B 135 0.76 -21.04 -7.05
N ASP B 136 -0.57 -20.91 -7.07
CA ASP B 136 -1.35 -19.77 -6.56
C ASP B 136 -0.87 -18.40 -7.05
N ILE B 137 -0.62 -18.28 -8.34
CA ILE B 137 -0.37 -16.96 -8.96
C ILE B 137 -1.13 -16.78 -10.27
N LEU B 138 -1.30 -15.52 -10.64
CA LEU B 138 -1.59 -15.13 -12.01
C LEU B 138 -0.36 -14.33 -12.49
N PRO B 139 -0.21 -14.13 -13.81
CA PRO B 139 0.89 -13.32 -14.30
C PRO B 139 0.90 -11.93 -13.70
N THR B 140 2.08 -11.37 -13.51
CA THR B 140 2.23 -10.04 -12.94
C THR B 140 1.40 -9.00 -13.70
N TYR B 141 1.42 -9.06 -15.02
CA TYR B 141 0.56 -8.18 -15.83
C TYR B 141 -0.90 -8.24 -15.39
N GLU B 142 -1.41 -9.44 -15.17
CA GLU B 142 -2.82 -9.62 -14.84
C GLU B 142 -3.14 -9.05 -13.47
N TYR B 143 -2.28 -9.26 -12.47
CA TYR B 143 -2.56 -8.60 -11.19
C TYR B 143 -2.60 -7.10 -11.29
N TRP B 144 -1.68 -6.50 -12.05
CA TRP B 144 -1.66 -5.05 -12.19
C TRP B 144 -2.87 -4.55 -12.97
N GLN B 145 -3.29 -5.30 -13.98
CA GLN B 145 -4.49 -4.89 -14.72
C GLN B 145 -5.72 -4.87 -13.82
N ARG B 146 -5.71 -5.73 -12.80
N ARG B 146 -5.69 -5.71 -12.80
CA ARG B 146 -6.81 -5.86 -11.86
CA ARG B 146 -6.80 -5.86 -11.86
C ARG B 146 -6.70 -4.92 -10.66
C ARG B 146 -6.68 -4.94 -10.66
N MET B 147 -5.75 -4.00 -10.68
CA MET B 147 -5.44 -3.22 -9.48
C MET B 147 -6.43 -2.06 -9.26
N ASN B 148 -7.68 -2.41 -8.94
CA ASN B 148 -8.71 -1.44 -8.57
C ASN B 148 -8.67 -1.20 -7.06
N ARG B 149 -9.66 -0.52 -6.50
CA ARG B 149 -9.68 -0.33 -5.05
C ARG B 149 -9.59 -1.65 -4.28
N ALA B 150 -10.41 -2.63 -4.67
CA ALA B 150 -10.46 -3.87 -3.93
C ALA B 150 -9.09 -4.54 -3.92
N TYR B 151 -8.42 -4.58 -5.07
CA TYR B 151 -7.11 -5.23 -5.16
C TYR B 151 -5.99 -4.42 -4.51
N ALA B 152 -6.06 -3.08 -4.62
CA ALA B 152 -5.05 -2.24 -3.99
C ALA B 152 -5.05 -2.49 -2.49
N LEU B 153 -6.22 -2.74 -1.94
CA LEU B 153 -6.35 -2.99 -0.52
C LEU B 153 -5.88 -4.41 -0.20
N LYS B 154 -6.27 -5.41 -1.00
CA LYS B 154 -5.91 -6.80 -0.70
C LYS B 154 -4.42 -7.08 -0.92
N ILE B 155 -3.85 -6.60 -2.01
CA ILE B 155 -2.44 -6.85 -2.21
C ILE B 155 -1.68 -5.54 -2.19
N TYR B 156 -1.88 -4.79 -1.10
CA TYR B 156 -1.23 -3.51 -0.89
C TYR B 156 0.30 -3.60 -1.00
N HIS B 157 0.88 -4.75 -0.66
CA HIS B 157 2.34 -4.82 -0.51
C HIS B 157 3.02 -4.73 -1.88
N TRP B 158 2.27 -5.03 -2.94
CA TRP B 158 2.78 -4.83 -4.30
C TRP B 158 3.14 -3.38 -4.60
N SER B 159 2.41 -2.45 -4.00
CA SER B 159 2.74 -1.04 -4.15
C SER B 159 3.62 -0.49 -3.02
N PHE B 160 3.39 -0.96 -1.80
CA PHE B 160 4.20 -0.54 -0.66
C PHE B 160 5.68 -0.96 -0.75
N LEU B 161 5.92 -2.25 -1.04
CA LEU B 161 7.30 -2.72 -1.10
C LEU B 161 8.02 -2.20 -2.35
N ALA B 162 7.25 -1.68 -3.32
CA ALA B 162 7.79 -1.12 -4.55
C ALA B 162 8.08 0.39 -4.45
N GLN B 163 7.76 0.99 -3.31
CA GLN B 163 8.06 2.42 -3.14
C GLN B 163 9.58 2.61 -3.20
N PRO B 164 10.03 3.78 -3.68
CA PRO B 164 11.47 4.00 -3.78
C PRO B 164 12.19 3.81 -2.45
N ALA B 165 13.37 3.19 -2.49
CA ALA B 165 14.20 3.06 -1.30
C ALA B 165 14.49 4.45 -0.77
N PRO B 166 14.59 4.60 0.56
CA PRO B 166 14.54 3.56 1.58
C PRO B 166 13.22 3.44 2.34
N LEU B 167 12.11 3.87 1.76
CA LEU B 167 10.87 3.96 2.55
C LEU B 167 10.47 2.58 3.12
N PRO B 168 10.34 1.52 2.27
CA PRO B 168 9.92 0.27 2.93
C PRO B 168 11.03 -0.34 3.78
N GLU B 169 12.27 -0.22 3.34
CA GLU B 169 13.38 -0.73 4.14
C GLU B 169 13.40 -0.10 5.52
N ASN B 170 13.20 1.21 5.59
CA ASN B 170 13.20 1.88 6.88
C ASN B 170 12.07 1.34 7.77
N LEU B 171 10.87 1.21 7.22
CA LEU B 171 9.75 0.72 8.01
C LEU B 171 9.90 -0.73 8.44
N LEU B 172 10.42 -1.59 7.56
CA LEU B 172 10.56 -3.01 7.88
C LEU B 172 11.60 -3.29 8.96
N GLY B 173 12.56 -2.39 9.11
CA GLY B 173 13.64 -2.57 10.08
C GLY B 173 13.22 -2.44 11.54
N GLY B 174 12.10 -1.79 11.81
CA GLY B 174 11.66 -1.59 13.18
C GLY B 174 11.32 -2.88 13.92
N ASP B 175 10.56 -3.74 13.25
CA ASP B 175 10.13 -5.00 13.85
C ASP B 175 9.93 -6.02 12.73
N PRO B 176 11.04 -6.50 12.16
CA PRO B 176 10.92 -7.42 11.00
C PRO B 176 10.22 -8.74 11.35
N ASP B 177 10.43 -9.27 12.56
CA ASP B 177 9.78 -10.52 12.95
C ASP B 177 8.26 -10.38 12.84
N PHE B 178 7.74 -9.23 13.29
CA PHE B 178 6.31 -9.06 13.24
C PHE B 178 5.79 -9.11 11.80
N TYR B 179 6.48 -8.41 10.92
CA TYR B 179 6.00 -8.28 9.54
C TYR B 179 6.01 -9.62 8.82
N VAL B 180 7.11 -10.35 8.92
CA VAL B 180 7.18 -11.61 8.19
C VAL B 180 6.15 -12.59 8.78
N LYS B 181 5.99 -12.61 10.10
CA LYS B 181 5.01 -13.53 10.66
C LYS B 181 3.58 -13.15 10.32
N ALA B 182 3.32 -11.83 10.23
CA ALA B 182 2.00 -11.36 9.85
C ALA B 182 1.69 -11.71 8.40
N LYS B 183 2.68 -11.64 7.52
CA LYS B 183 2.46 -11.95 6.11
C LYS B 183 2.17 -13.43 5.96
N LEU B 184 3.01 -14.24 6.62
CA LEU B 184 2.84 -15.69 6.59
C LEU B 184 1.44 -16.09 7.02
N ALA B 185 1.01 -15.55 8.16
CA ALA B 185 -0.28 -15.89 8.71
C ALA B 185 -1.42 -15.35 7.86
N SER B 186 -1.31 -14.11 7.39
CA SER B 186 -2.47 -13.47 6.80
C SER B 186 -2.91 -14.15 5.50
N TRP B 187 -2.00 -14.84 4.82
CA TRP B 187 -2.35 -15.43 3.53
C TRP B 187 -2.78 -16.91 3.62
N THR B 188 -2.71 -17.50 4.82
CA THR B 188 -3.22 -18.86 5.03
C THR B 188 -4.72 -18.87 5.24
N ARG B 189 -5.33 -20.04 5.08
CA ARG B 189 -6.75 -20.20 5.42
C ARG B 189 -7.02 -19.92 6.91
N ALA B 190 -6.14 -20.40 7.78
CA ALA B 190 -6.35 -20.32 9.22
C ALA B 190 -6.21 -18.90 9.75
N GLY B 191 -5.37 -18.10 9.09
CA GLY B 191 -5.09 -16.75 9.55
C GLY B 191 -4.09 -16.67 10.68
N ASP B 192 -3.51 -17.81 11.04
CA ASP B 192 -2.44 -17.85 12.03
C ASP B 192 -1.30 -18.68 11.48
N LEU B 193 -0.31 -19.01 12.32
CA LEU B 193 0.90 -19.69 11.87
C LEU B 193 0.81 -21.21 12.02
N SER B 194 -0.39 -21.72 12.32
CA SER B 194 -0.52 -23.13 12.67
C SER B 194 -0.29 -24.09 11.48
N ALA B 195 -0.43 -23.61 10.23
CA ALA B 195 -0.17 -24.47 9.06
C ALA B 195 1.33 -24.73 8.86
N PHE B 196 2.17 -23.90 9.47
CA PHE B 196 3.61 -24.02 9.26
C PHE B 196 4.32 -24.83 10.35
N ASP B 197 5.37 -25.54 9.94
CA ASP B 197 6.29 -26.14 10.91
C ASP B 197 7.04 -25.01 11.57
N PRO B 198 7.08 -24.97 12.90
CA PRO B 198 7.75 -23.86 13.58
C PRO B 198 9.22 -23.77 13.19
N ARG B 199 9.82 -24.89 12.82
CA ARG B 199 11.21 -24.89 12.37
C ARG B 199 11.37 -24.15 11.02
N ALA B 200 10.38 -24.30 10.16
CA ALA B 200 10.33 -23.59 8.88
C ALA B 200 10.14 -22.09 9.11
N VAL B 201 9.21 -21.74 9.99
CA VAL B 201 8.97 -20.34 10.31
C VAL B 201 10.28 -19.71 10.78
N GLU B 202 11.04 -20.45 11.57
CA GLU B 202 12.29 -19.89 12.05
C GLU B 202 13.28 -19.63 10.89
N HIS B 203 13.35 -20.53 9.91
CA HIS B 203 14.11 -20.27 8.68
C HIS B 203 13.65 -18.94 8.05
N TYR B 204 12.35 -18.75 7.90
CA TYR B 204 11.84 -17.52 7.25
C TYR B 204 12.15 -16.28 8.10
N ARG B 205 12.02 -16.40 9.42
CA ARG B 205 12.27 -15.26 10.30
C ARG B 205 13.75 -14.86 10.27
N ILE B 206 14.62 -15.87 10.29
CA ILE B 206 16.05 -15.63 10.26
C ILE B 206 16.49 -14.90 8.99
N ALA B 207 15.98 -15.34 7.85
CA ALA B 207 16.29 -14.66 6.60
C ALA B 207 15.78 -13.24 6.63
N PHE B 208 14.54 -13.07 7.09
CA PHE B 208 13.91 -11.76 7.06
C PHE B 208 14.56 -10.80 8.05
N ALA B 209 15.31 -11.33 9.01
CA ALA B 209 15.94 -10.51 10.03
C ALA B 209 17.12 -9.68 9.49
N ASP B 210 17.62 -10.07 8.32
CA ASP B 210 18.78 -9.41 7.72
C ASP B 210 18.35 -8.23 6.85
N PRO B 211 18.82 -7.01 7.16
CA PRO B 211 18.41 -5.88 6.31
C PRO B 211 18.80 -6.07 4.86
N MET B 212 19.91 -6.74 4.57
CA MET B 212 20.32 -6.93 3.18
C MET B 212 19.34 -7.82 2.44
N ARG B 213 18.81 -8.82 3.14
CA ARG B 213 17.83 -9.72 2.55
C ARG B 213 16.52 -9.00 2.31
N ARG B 214 16.14 -8.13 3.24
CA ARG B 214 14.89 -7.40 3.06
C ARG B 214 15.01 -6.44 1.89
N HIS B 215 16.20 -5.86 1.71
CA HIS B 215 16.41 -4.94 0.60
C HIS B 215 16.20 -5.67 -0.72
N VAL B 216 16.75 -6.88 -0.83
CA VAL B 216 16.53 -7.72 -2.00
C VAL B 216 15.04 -7.94 -2.28
N MET B 217 14.29 -8.27 -1.23
CA MET B 217 12.86 -8.45 -1.39
C MET B 217 12.18 -7.20 -1.95
N CYS B 218 12.57 -6.03 -1.47
CA CYS B 218 12.00 -4.79 -1.99
C CYS B 218 12.42 -4.57 -3.45
N GLU B 219 13.67 -4.88 -3.78
CA GLU B 219 14.09 -4.81 -5.19
C GLU B 219 13.26 -5.73 -6.09
N ASP B 220 12.94 -6.91 -5.57
CA ASP B 220 12.07 -7.88 -6.25
C ASP B 220 10.69 -7.27 -6.53
N TYR B 221 10.08 -6.66 -5.53
CA TYR B 221 8.80 -6.00 -5.76
C TYR B 221 8.91 -4.74 -6.64
N ARG B 222 10.03 -4.01 -6.55
CA ARG B 222 10.23 -2.89 -7.49
C ARG B 222 10.31 -3.42 -8.92
N ALA B 223 11.04 -4.51 -9.13
CA ALA B 223 11.02 -5.14 -10.45
C ALA B 223 9.61 -5.55 -10.85
N GLY B 224 8.85 -6.06 -9.90
CA GLY B 224 7.50 -6.55 -10.17
C GLY B 224 6.56 -5.44 -10.61
N ALA B 225 6.83 -4.22 -10.17
CA ALA B 225 6.01 -3.05 -10.49
C ALA B 225 6.43 -2.42 -11.80
N TYR B 226 7.66 -2.66 -12.23
CA TYR B 226 8.23 -1.92 -13.39
C TYR B 226 8.72 -2.86 -14.49
N ALA B 227 9.98 -3.25 -14.54
CA ALA B 227 10.44 -4.10 -15.67
C ALA B 227 9.64 -5.40 -15.88
N ASP B 228 9.29 -6.10 -14.79
CA ASP B 228 8.58 -7.38 -14.94
C ASP B 228 7.24 -7.14 -15.62
N PHE B 229 6.58 -6.05 -15.22
CA PHE B 229 5.32 -5.66 -15.81
C PHE B 229 5.47 -5.36 -17.30
N GLU B 230 6.51 -4.62 -17.63
CA GLU B 230 6.76 -4.26 -19.04
C GLU B 230 7.10 -5.50 -19.86
N HIS B 231 7.87 -6.42 -19.29
CA HIS B 231 8.18 -7.65 -20.03
C HIS B 231 6.91 -8.45 -20.31
N ASP B 232 6.04 -8.55 -19.33
CA ASP B 232 4.77 -9.24 -19.49
C ASP B 232 3.91 -8.56 -20.55
N LYS B 233 3.89 -7.22 -20.51
CA LYS B 233 3.06 -6.41 -21.43
C LYS B 233 3.48 -6.66 -22.89
N ILE B 234 4.78 -6.81 -23.14
CA ILE B 234 5.23 -7.13 -24.49
C ILE B 234 4.68 -8.49 -24.95
N ASP B 235 4.72 -9.51 -24.09
CA ASP B 235 4.14 -10.80 -24.48
C ASP B 235 2.63 -10.73 -24.73
N VAL B 236 1.90 -10.02 -23.88
CA VAL B 236 0.47 -9.85 -24.10
C VAL B 236 0.20 -9.19 -25.44
N GLU B 237 0.93 -8.12 -25.72
CA GLU B 237 0.73 -7.39 -26.97
C GLU B 237 1.05 -8.26 -28.18
N ALA B 238 2.09 -9.09 -28.07
CA ALA B 238 2.50 -9.98 -29.14
C ALA B 238 1.64 -11.26 -29.26
N GLY B 239 0.76 -11.47 -28.29
CA GLY B 239 -0.07 -12.67 -28.25
C GLY B 239 0.73 -13.94 -28.00
N ASN B 240 1.86 -13.82 -27.31
CA ASN B 240 2.69 -14.97 -27.00
C ASN B 240 2.08 -15.85 -25.91
N LYS B 241 2.09 -17.15 -26.15
CA LYS B 241 1.64 -18.08 -25.14
C LYS B 241 2.73 -19.08 -24.83
N ILE B 242 2.81 -19.50 -23.58
CA ILE B 242 3.69 -20.59 -23.20
C ILE B 242 3.26 -21.89 -23.89
N PRO B 243 4.18 -22.53 -24.63
CA PRO B 243 3.87 -23.79 -25.31
C PRO B 243 4.18 -25.03 -24.45
N VAL B 244 4.95 -24.83 -23.39
CA VAL B 244 5.28 -25.89 -22.44
C VAL B 244 4.01 -26.45 -21.76
N PRO B 245 3.86 -27.79 -21.69
CA PRO B 245 2.77 -28.35 -20.87
C PRO B 245 2.76 -27.75 -19.47
N MET B 246 1.61 -27.26 -19.03
CA MET B 246 1.55 -26.46 -17.83
C MET B 246 0.45 -26.87 -16.86
N LEU B 247 0.72 -26.71 -15.55
CA LEU B 247 -0.24 -26.97 -14.50
C LEU B 247 -0.39 -25.71 -13.65
N ALA B 248 -1.61 -25.23 -13.45
CA ALA B 248 -1.84 -24.13 -12.53
C ALA B 248 -2.64 -24.65 -11.33
N LEU B 249 -2.02 -24.62 -10.16
CA LEU B 249 -2.70 -24.95 -8.91
C LEU B 249 -2.95 -23.69 -8.15
N TRP B 250 -4.09 -23.63 -7.47
CA TRP B 250 -4.37 -22.42 -6.69
C TRP B 250 -5.19 -22.82 -5.48
N GLY B 251 -5.12 -21.97 -4.46
CA GLY B 251 -5.86 -22.20 -3.22
C GLY B 251 -7.29 -21.70 -3.36
N ALA B 252 -8.25 -22.49 -2.89
CA ALA B 252 -9.65 -22.06 -2.95
C ALA B 252 -9.84 -20.71 -2.25
N SER B 253 -9.06 -20.48 -1.19
CA SER B 253 -9.07 -19.17 -0.54
C SER B 253 -7.71 -18.46 -0.69
N GLY B 254 -7.04 -18.68 -1.82
CA GLY B 254 -5.74 -18.09 -2.08
C GLY B 254 -5.84 -16.76 -2.81
N ILE B 255 -4.70 -16.27 -3.29
CA ILE B 255 -4.61 -14.96 -3.92
C ILE B 255 -5.04 -14.96 -5.41
N ALA B 256 -4.58 -15.96 -6.16
CA ALA B 256 -4.83 -16.03 -7.61
C ALA B 256 -6.33 -15.99 -7.95
N GLN B 257 -7.15 -16.68 -7.15
CA GLN B 257 -8.60 -16.67 -7.35
C GLN B 257 -9.21 -15.32 -6.93
N ALA B 260 -12.75 -13.66 -11.45
CA ALA B 260 -11.30 -13.86 -11.25
C ALA B 260 -10.94 -15.35 -11.23
N THR B 261 -10.93 -15.98 -12.40
CA THR B 261 -10.89 -17.44 -12.51
C THR B 261 -9.57 -17.94 -13.09
N PRO B 262 -8.75 -18.63 -12.28
CA PRO B 262 -7.32 -18.76 -12.61
C PRO B 262 -7.05 -19.51 -13.90
N LEU B 263 -7.75 -20.61 -14.13
CA LEU B 263 -7.49 -21.38 -15.33
C LEU B 263 -7.89 -20.59 -16.57
N ASP B 264 -8.99 -19.84 -16.49
CA ASP B 264 -9.38 -18.97 -17.60
C ASP B 264 -8.29 -17.93 -17.91
N VAL B 265 -7.64 -17.43 -16.88
CA VAL B 265 -6.54 -16.47 -17.07
C VAL B 265 -5.33 -17.14 -17.74
N TRP B 266 -4.92 -18.26 -17.20
CA TRP B 266 -3.72 -18.92 -17.68
C TRP B 266 -3.89 -19.45 -19.11
N ARG B 267 -5.13 -19.75 -19.49
CA ARG B 267 -5.40 -20.23 -20.85
C ARG B 267 -5.14 -19.13 -21.89
N LYS B 268 -5.10 -17.89 -21.44
CA LYS B 268 -4.80 -16.77 -22.31
C LYS B 268 -3.29 -16.57 -22.44
N TRP B 269 -2.55 -17.24 -21.56
CA TRP B 269 -1.09 -17.12 -21.50
C TRP B 269 -0.36 -18.39 -21.91
N ALA B 270 -1.12 -19.45 -22.13
CA ALA B 270 -0.51 -20.76 -22.32
C ALA B 270 -1.42 -21.65 -23.18
N SER B 271 -0.83 -22.38 -24.12
CA SER B 271 -1.62 -23.19 -25.05
C SER B 271 -1.95 -24.61 -24.56
N ASP B 272 -1.36 -25.05 -23.46
CA ASP B 272 -1.59 -26.40 -22.97
C ASP B 272 -1.55 -26.40 -21.45
N VAL B 273 -2.67 -26.07 -20.83
CA VAL B 273 -2.67 -25.94 -19.38
C VAL B 273 -3.88 -26.61 -18.77
N GLN B 274 -3.63 -27.32 -17.69
CA GLN B 274 -4.68 -27.87 -16.88
C GLN B 274 -4.52 -27.23 -15.50
N GLY B 275 -5.55 -27.34 -14.69
CA GLY B 275 -5.50 -26.72 -13.39
C GLY B 275 -6.52 -27.28 -12.43
N ALA B 276 -6.34 -26.96 -11.16
CA ALA B 276 -7.27 -27.40 -10.14
C ALA B 276 -7.13 -26.57 -8.89
N PRO B 277 -8.26 -26.34 -8.20
CA PRO B 277 -8.17 -25.67 -6.91
C PRO B 277 -7.77 -26.67 -5.85
N ILE B 278 -7.13 -26.17 -4.80
CA ILE B 278 -6.80 -26.98 -3.64
C ILE B 278 -7.43 -26.28 -2.45
N GLU B 279 -8.02 -27.02 -1.53
CA GLU B 279 -8.58 -26.41 -0.34
C GLU B 279 -7.41 -25.95 0.53
N SER B 280 -7.11 -24.66 0.44
CA SER B 280 -5.89 -24.11 1.02
C SER B 280 -5.90 -22.58 0.85
N GLY B 281 -5.18 -21.89 1.73
CA GLY B 281 -4.78 -20.52 1.45
C GLY B 281 -3.65 -20.48 0.44
N HIS B 282 -2.91 -19.38 0.44
CA HIS B 282 -1.83 -19.15 -0.52
C HIS B 282 -0.70 -20.20 -0.49
N PHE B 283 -0.39 -20.70 0.70
CA PHE B 283 0.83 -21.48 0.88
C PHE B 283 0.57 -22.96 0.67
N LEU B 284 0.23 -23.30 -0.57
CA LEU B 284 -0.17 -24.67 -0.91
C LEU B 284 0.75 -25.77 -0.35
N PRO B 285 2.07 -25.65 -0.54
CA PRO B 285 2.86 -26.83 -0.15
C PRO B 285 2.95 -27.07 1.35
N GLU B 286 2.59 -26.07 2.15
CA GLU B 286 2.59 -26.22 3.59
C GLU B 286 1.19 -26.42 4.15
N GLU B 287 0.21 -25.71 3.59
CA GLU B 287 -1.15 -25.83 4.08
C GLU B 287 -1.80 -27.12 3.63
N ALA B 288 -1.45 -27.57 2.44
CA ALA B 288 -2.06 -28.76 1.89
C ALA B 288 -1.01 -29.63 1.21
N PRO B 289 -0.04 -30.15 2.00
CA PRO B 289 1.10 -30.85 1.40
C PRO B 289 0.70 -32.12 0.65
N ASP B 290 -0.23 -32.89 1.21
CA ASP B 290 -0.60 -34.15 0.56
C ASP B 290 -1.22 -33.93 -0.81
N GLN B 291 -2.17 -33.01 -0.88
CA GLN B 291 -2.86 -32.76 -2.13
C GLN B 291 -1.97 -32.05 -3.17
N THR B 292 -1.09 -31.17 -2.71
CA THR B 292 -0.17 -30.49 -3.62
C THR B 292 0.82 -31.48 -4.20
N ALA B 293 1.43 -32.28 -3.34
CA ALA B 293 2.39 -33.28 -3.77
C ALA B 293 1.77 -34.27 -4.75
N GLU B 294 0.55 -34.71 -4.45
CA GLU B 294 -0.11 -35.68 -5.31
C GLU B 294 -0.37 -35.09 -6.69
N ALA B 295 -0.86 -33.85 -6.71
CA ALA B 295 -1.13 -33.16 -7.96
C ALA B 295 0.12 -32.97 -8.79
N LEU B 296 1.22 -32.63 -8.13
CA LEU B 296 2.48 -32.40 -8.82
C LEU B 296 3.08 -33.70 -9.36
N VAL B 297 3.06 -34.75 -8.52
CA VAL B 297 3.57 -36.07 -8.93
C VAL B 297 2.86 -36.57 -10.18
N ARG B 298 1.53 -36.52 -10.16
CA ARG B 298 0.72 -37.00 -11.28
C ARG B 298 1.02 -36.18 -12.55
N PHE B 299 1.22 -34.88 -12.38
CA PHE B 299 1.45 -34.02 -13.52
C PHE B 299 2.83 -34.26 -14.15
N PHE B 300 3.85 -34.27 -13.31
CA PHE B 300 5.23 -34.38 -13.78
C PHE B 300 5.59 -35.78 -14.26
N SER B 301 4.87 -36.78 -13.77
CA SER B 301 5.14 -38.16 -14.19
C SER B 301 4.75 -38.39 -15.64
N ALA B 302 5.64 -39.07 -16.38
CA ALA B 302 5.38 -39.43 -17.77
C ALA B 302 4.95 -40.90 -17.85
CL CL C . -7.43 13.47 -3.76
C1 R3W D . -5.46 12.95 1.75
O1 R3W D . -6.42 13.66 1.77
CL1 R3W D . -2.92 12.45 1.30
C2 R3W D . -4.33 13.40 0.81
O2 R3W D . -5.33 11.89 2.37
CL CL E . 3.84 -13.43 -5.90
#